data_3O13
#
_entry.id   3O13
#
_cell.length_a   50.161
_cell.length_b   90.804
_cell.length_c   109.129
_cell.angle_alpha   90.000
_cell.angle_beta   90.000
_cell.angle_gamma   90.000
#
_symmetry.space_group_name_H-M   'I 2 2 2'
#
loop_
_entity.id
_entity.type
_entity.pdbx_description
1 polymer 'Superantigen-like protein'
2 non-polymer 'CHLORIDE ION'
3 non-polymer 1,2-ETHANEDIOL
4 water water
#
_entity_poly.entity_id   1
_entity_poly.type   'polypeptide(L)'
_entity_poly.pdbx_seq_one_letter_code
;GSTLEVRSQATQDLSEYYKGRGFELTNVTGYKYGNKVTFIDNSQQIDVTLTGNEKLTVKDDDEVSNVDVFVVREGSDKSA
ITTSIGGITKTNGTQHKDTVQNVNLSVSKSTGQHTTSVTSEYYSIYKEEISLKELDFKLRKHLIDKHDLYKTEPKDSKIR
IT(MSE)KNGGYYTFELNKKLQPHR(MSE)GDTIDSRNIEKIEVNL
;
_entity_poly.pdbx_strand_id   A
#
# COMPACT_ATOMS: atom_id res chain seq x y z
N GLU A 5 -22.15 -12.94 -14.76
CA GLU A 5 -22.47 -11.85 -13.76
C GLU A 5 -22.17 -10.43 -14.19
N VAL A 6 -22.78 -9.48 -13.47
CA VAL A 6 -22.70 -8.04 -13.78
C VAL A 6 -21.43 -7.43 -13.22
N ARG A 7 -20.79 -6.57 -14.02
CA ARG A 7 -19.75 -5.65 -13.51
C ARG A 7 -19.84 -4.26 -14.18
N SER A 8 -19.92 -3.24 -13.34
CA SER A 8 -20.06 -1.85 -13.77
C SER A 8 -18.74 -1.26 -14.24
N GLN A 9 -18.81 -0.09 -14.88
CA GLN A 9 -17.61 0.65 -15.30
C GLN A 9 -16.79 1.04 -14.07
N ALA A 10 -17.46 1.32 -12.94
CA ALA A 10 -16.79 1.62 -11.66
C ALA A 10 -15.91 0.46 -11.20
N THR A 11 -16.44 -0.77 -11.30
CA THR A 11 -15.69 -1.97 -10.90
C THR A 11 -14.48 -2.18 -11.83
N GLN A 12 -14.69 -1.96 -13.12
CA GLN A 12 -13.64 -2.06 -14.15
C GLN A 12 -12.50 -1.06 -13.91
N ASP A 13 -12.87 0.16 -13.53
CA ASP A 13 -11.86 1.17 -13.17
C ASP A 13 -11.07 0.80 -11.90
N LEU A 14 -11.73 0.19 -10.91
CA LEU A 14 -11.01 -0.27 -9.68
C LEU A 14 -10.01 -1.36 -10.04
N SER A 15 -10.45 -2.29 -10.90
CA SER A 15 -9.61 -3.36 -11.40
C SER A 15 -8.41 -2.82 -12.23
N GLU A 16 -8.67 -1.91 -13.17
CA GLU A 16 -7.59 -1.34 -14.00
C GLU A 16 -6.53 -0.66 -13.07
N TYR A 17 -6.99 0.08 -12.07
CA TYR A 17 -6.07 0.77 -11.14
C TYR A 17 -5.18 -0.19 -10.33
N TYR A 18 -5.78 -1.22 -9.77
CA TYR A 18 -5.07 -2.12 -8.86
C TYR A 18 -4.29 -3.26 -9.55
N LYS A 19 -4.50 -3.40 -10.87
CA LYS A 19 -3.71 -4.30 -11.73
C LYS A 19 -2.56 -3.56 -12.41
N GLY A 20 -2.50 -2.24 -12.18
CA GLY A 20 -1.43 -1.41 -12.65
C GLY A 20 -0.15 -1.53 -11.88
N ARG A 21 0.85 -0.83 -12.38
CA ARG A 21 2.20 -0.93 -11.86
C ARG A 21 2.37 -0.13 -10.59
N GLY A 22 2.77 -0.81 -9.54
CA GLY A 22 3.19 -0.15 -8.33
C GLY A 22 4.62 -0.60 -8.14
N PHE A 23 5.54 0.33 -7.86
CA PHE A 23 6.95 -0.05 -7.68
C PHE A 23 7.56 0.66 -6.50
N GLU A 24 8.66 0.10 -6.01
CA GLU A 24 9.34 0.65 -4.86
C GLU A 24 10.67 1.33 -5.20
N LEU A 25 10.93 2.46 -4.55
CA LEU A 25 12.28 3.05 -4.47
C LEU A 25 12.76 2.69 -3.07
N THR A 26 13.97 2.14 -2.94
CA THR A 26 14.49 1.71 -1.63
C THR A 26 15.67 2.57 -1.24
N ASN A 27 15.66 3.05 0.00
CA ASN A 27 16.76 3.87 0.56
C ASN A 27 17.19 4.99 -0.40
N VAL A 28 16.23 5.85 -0.75
CA VAL A 28 16.48 6.93 -1.68
C VAL A 28 16.48 8.27 -0.94
N THR A 29 16.93 9.30 -1.65
CA THR A 29 16.89 10.69 -1.19
C THR A 29 16.04 11.52 -2.13
N GLY A 30 15.18 12.35 -1.55
CA GLY A 30 14.36 13.30 -2.28
C GLY A 30 14.39 14.66 -1.62
N TYR A 31 13.73 15.62 -2.25
CA TYR A 31 13.76 17.02 -1.81
C TYR A 31 12.36 17.57 -1.73
N LYS A 32 12.04 18.09 -0.55
CA LYS A 32 10.72 18.57 -0.24
C LYS A 32 10.60 20.03 -0.66
N TYR A 33 9.47 20.38 -1.27
CA TYR A 33 9.05 21.77 -1.43
C TYR A 33 7.54 21.80 -1.27
N GLY A 34 7.06 22.58 -0.30
CA GLY A 34 5.65 22.57 0.03
C GLY A 34 5.24 21.17 0.45
N ASN A 35 4.10 20.70 -0.04
CA ASN A 35 3.60 19.36 0.30
C ASN A 35 3.99 18.26 -0.72
N LYS A 36 5.10 18.45 -1.45
CA LYS A 36 5.60 17.45 -2.39
CA LYS A 36 5.62 17.49 -2.44
C LYS A 36 7.08 17.13 -2.14
N VAL A 37 7.42 15.86 -2.29
CA VAL A 37 8.80 15.42 -2.18
C VAL A 37 9.13 14.87 -3.57
N THR A 38 10.18 15.41 -4.17
CA THR A 38 10.60 15.02 -5.51
C THR A 38 11.74 14.03 -5.43
N PHE A 39 11.61 12.92 -6.15
CA PHE A 39 12.66 11.92 -6.28
C PHE A 39 13.04 11.77 -7.76
N ILE A 40 14.32 11.52 -8.02
CA ILE A 40 14.80 11.15 -9.36
C ILE A 40 15.19 9.67 -9.33
N ASP A 41 14.49 8.83 -10.10
CA ASP A 41 14.85 7.40 -10.26
C ASP A 41 15.14 7.14 -11.74
N ASN A 42 16.38 6.73 -12.04
CA ASN A 42 16.92 6.75 -13.42
C ASN A 42 16.92 8.19 -13.91
N SER A 43 16.20 8.48 -15.00
CA SER A 43 16.07 9.86 -15.48
C SER A 43 14.65 10.37 -15.23
N GLN A 44 13.85 9.59 -14.50
CA GLN A 44 12.42 9.89 -14.30
C GLN A 44 12.19 10.71 -13.03
N GLN A 45 11.53 11.87 -13.16
CA GLN A 45 11.12 12.65 -11.99
C GLN A 45 9.81 12.10 -11.39
N ILE A 46 9.82 11.87 -10.08
CA ILE A 46 8.63 11.41 -9.35
C ILE A 46 8.29 12.42 -8.23
N ASP A 47 7.15 13.06 -8.34
CA ASP A 47 6.68 13.97 -7.29
C ASP A 47 5.66 13.28 -6.42
N VAL A 48 5.98 13.12 -5.13
CA VAL A 48 5.10 12.46 -4.20
C VAL A 48 4.41 13.49 -3.28
N THR A 49 3.07 13.50 -3.31
CA THR A 49 2.29 14.40 -2.47
C THR A 49 2.21 13.88 -1.04
N LEU A 50 2.56 14.72 -0.07
CA LEU A 50 2.46 14.34 1.34
C LEU A 50 1.02 14.53 1.84
N THR A 51 0.61 13.67 2.77
CA THR A 51 -0.75 13.73 3.32
C THR A 51 -0.85 14.48 4.67
N GLY A 52 0.28 14.60 5.37
CA GLY A 52 0.35 15.20 6.70
C GLY A 52 0.25 14.19 7.83
N ASN A 53 0.12 12.91 7.52
CA ASN A 53 0.15 11.88 8.59
C ASN A 53 1.37 10.95 8.50
N GLU A 54 2.43 11.42 7.87
CA GLU A 54 3.62 10.58 7.70
C GLU A 54 4.35 10.37 9.06
N LYS A 55 5.02 9.22 9.21
CA LYS A 55 5.83 8.90 10.42
C LYS A 55 7.37 8.97 10.10
N LEU A 56 7.83 10.20 9.87
CA LEU A 56 9.20 10.47 9.40
C LEU A 56 10.04 11.07 10.51
N THR A 57 11.34 10.78 10.53
CA THR A 57 12.23 11.38 11.54
C THR A 57 12.33 12.91 11.28
N VAL A 58 12.17 13.70 12.34
CA VAL A 58 12.15 15.17 12.24
C VAL A 58 13.50 15.74 11.74
N LYS A 59 13.42 16.64 10.74
CA LYS A 59 14.60 17.21 10.08
C LYS A 59 14.68 18.75 10.22
N ASP A 60 15.86 19.27 9.88
CA ASP A 60 16.18 20.71 9.90
C ASP A 60 15.94 21.36 8.51
N ASP A 61 16.21 20.60 7.45
CA ASP A 61 16.34 21.09 6.07
C ASP A 61 15.23 20.54 5.12
N ASP A 62 15.43 20.70 3.80
CA ASP A 62 14.53 20.17 2.74
C ASP A 62 14.91 18.77 2.22
N GLU A 63 15.89 18.12 2.86
CA GLU A 63 16.39 16.83 2.42
C GLU A 63 15.59 15.73 3.12
N VAL A 64 15.08 14.77 2.32
CA VAL A 64 14.39 13.60 2.86
C VAL A 64 15.16 12.37 2.36
N SER A 65 15.98 11.82 3.24
CA SER A 65 16.85 10.71 2.87
C SER A 65 16.54 9.46 3.68
N ASN A 66 17.09 8.32 3.24
CA ASN A 66 16.92 7.06 3.94
C ASN A 66 15.43 6.67 4.06
N VAL A 67 14.70 6.89 2.97
CA VAL A 67 13.30 6.54 2.88
C VAL A 67 13.00 5.57 1.73
N ASP A 68 11.94 4.80 1.90
CA ASP A 68 11.39 3.98 0.83
C ASP A 68 10.14 4.71 0.33
N VAL A 69 9.87 4.56 -0.95
CA VAL A 69 8.71 5.15 -1.56
C VAL A 69 7.95 4.10 -2.36
N PHE A 70 6.69 3.87 -2.01
CA PHE A 70 5.84 3.03 -2.84
C PHE A 70 5.10 3.95 -3.80
N VAL A 71 5.40 3.79 -5.09
CA VAL A 71 4.96 4.68 -6.14
C VAL A 71 3.84 4.03 -6.94
N VAL A 72 2.73 4.75 -7.13
CA VAL A 72 1.68 4.36 -8.05
C VAL A 72 1.31 5.61 -8.85
N ARG A 73 1.63 5.60 -10.15
CA ARG A 73 1.32 6.72 -11.02
C ARG A 73 -0.19 6.99 -11.09
N GLU A 74 -0.62 8.23 -10.86
CA GLU A 74 -2.00 8.65 -11.13
C GLU A 74 -1.98 9.34 -12.52
N GLY A 75 -3.03 9.16 -13.33
CA GLY A 75 -3.07 9.79 -14.69
C GLY A 75 -2.26 9.10 -15.79
N SER A 76 -2.19 9.76 -16.96
CA SER A 76 -1.61 9.23 -18.22
C SER A 76 -0.64 8.05 -18.11
N SER A 79 3.06 11.54 -20.23
CA SER A 79 3.19 12.68 -19.30
C SER A 79 4.53 12.66 -18.53
N ALA A 80 5.31 13.72 -18.72
CA ALA A 80 6.70 13.83 -18.23
C ALA A 80 6.99 13.44 -16.78
N ILE A 81 6.31 14.10 -15.84
CA ILE A 81 6.51 13.90 -14.40
C ILE A 81 5.50 12.90 -13.86
N THR A 82 5.93 12.03 -12.94
CA THR A 82 5.04 11.04 -12.35
C THR A 82 4.48 11.55 -11.02
N THR A 83 3.16 11.70 -10.96
CA THR A 83 2.47 12.11 -9.75
C THR A 83 2.07 10.89 -8.96
N SER A 84 2.45 10.83 -7.68
CA SER A 84 2.05 9.75 -6.78
C SER A 84 1.64 10.34 -5.42
N ILE A 85 0.74 9.63 -4.74
CA ILE A 85 0.23 10.13 -3.47
C ILE A 85 0.66 9.25 -2.27
N GLY A 86 1.35 9.87 -1.30
CA GLY A 86 1.79 9.19 -0.05
C GLY A 86 2.86 8.13 -0.24
N GLY A 87 2.87 7.14 0.66
CA GLY A 87 3.71 5.94 0.53
C GLY A 87 5.20 6.10 0.79
N ILE A 88 5.60 7.17 1.44
CA ILE A 88 6.98 7.36 1.89
C ILE A 88 7.07 6.82 3.32
N THR A 89 8.08 5.99 3.55
CA THR A 89 8.30 5.35 4.84
C THR A 89 9.79 5.34 5.17
N LYS A 90 10.15 5.17 6.46
CA LYS A 90 11.53 4.90 6.82
C LYS A 90 12.01 3.61 6.15
N THR A 91 13.23 3.63 5.63
CA THR A 91 13.83 2.46 5.00
C THR A 91 14.18 1.44 6.07
N ASN A 92 14.27 0.16 5.70
CA ASN A 92 14.60 -0.90 6.65
C ASN A 92 15.98 -0.70 7.30
N GLY A 93 16.04 -0.90 8.62
CA GLY A 93 17.33 -0.99 9.32
C GLY A 93 18.11 -2.23 8.92
N THR A 94 17.39 -3.32 8.67
CA THR A 94 17.99 -4.59 8.32
C THR A 94 18.32 -4.70 6.81
N GLN A 95 19.22 -5.64 6.49
CA GLN A 95 19.74 -5.88 5.13
C GLN A 95 19.58 -7.32 4.69
N HIS A 96 18.66 -8.08 5.29
CA HIS A 96 18.55 -9.51 4.99
C HIS A 96 17.64 -9.83 3.77
N LYS A 97 16.80 -8.88 3.37
CA LYS A 97 15.89 -9.06 2.22
C LYS A 97 14.80 -10.14 2.39
N ASP A 98 14.65 -10.72 3.57
CA ASP A 98 13.61 -11.74 3.82
C ASP A 98 12.46 -11.12 4.60
N THR A 99 11.49 -11.92 5.01
CA THR A 99 10.30 -11.35 5.63
C THR A 99 10.61 -10.79 7.03
N VAL A 100 9.92 -9.71 7.39
CA VAL A 100 9.95 -9.11 8.73
CA VAL A 100 10.00 -9.19 8.76
C VAL A 100 8.74 -9.63 9.55
N GLN A 101 7.64 -9.87 8.84
CA GLN A 101 6.43 -10.47 9.44
C GLN A 101 5.67 -11.39 8.46
N ASN A 102 5.13 -12.49 8.98
CA ASN A 102 4.33 -13.44 8.22
CA ASN A 102 4.37 -13.44 8.21
C ASN A 102 2.97 -13.54 8.89
N VAL A 103 2.01 -12.84 8.33
CA VAL A 103 0.70 -12.58 8.91
C VAL A 103 -0.39 -13.53 8.39
N ASN A 104 -1.23 -14.08 9.28
CA ASN A 104 -2.41 -14.87 8.89
CA ASN A 104 -2.35 -14.90 8.74
C ASN A 104 -3.35 -14.03 8.01
N LEU A 105 -3.63 -14.47 6.80
CA LEU A 105 -4.57 -13.82 5.95
C LEU A 105 -5.74 -14.83 5.74
N SER A 106 -6.97 -14.39 6.03
CA SER A 106 -8.17 -15.18 5.82
C SER A 106 -9.05 -14.52 4.79
N VAL A 107 -9.52 -15.28 3.81
CA VAL A 107 -10.47 -14.76 2.85
C VAL A 107 -11.78 -15.57 2.92
N SER A 108 -12.87 -14.92 3.37
CA SER A 108 -14.22 -15.49 3.38
C SER A 108 -14.99 -15.23 2.09
N LYS A 109 -15.75 -16.22 1.62
CA LYS A 109 -16.57 -16.11 0.40
C LYS A 109 -17.97 -16.68 0.63
N SER A 110 -18.94 -16.25 -0.21
CA SER A 110 -20.33 -16.81 -0.30
C SER A 110 -20.60 -17.45 -1.66
N THR A 116 -19.87 -19.05 3.64
CA THR A 116 -19.87 -20.45 3.24
C THR A 116 -18.47 -21.13 2.96
N SER A 117 -17.40 -20.35 2.80
CA SER A 117 -16.01 -20.90 2.86
C SER A 117 -14.97 -19.88 3.31
N VAL A 118 -13.89 -20.38 3.90
CA VAL A 118 -12.79 -19.52 4.39
C VAL A 118 -11.44 -20.09 3.91
N THR A 119 -10.62 -19.26 3.28
CA THR A 119 -9.28 -19.67 2.85
C THR A 119 -8.27 -18.95 3.71
N SER A 120 -7.36 -19.71 4.29
CA SER A 120 -6.25 -19.19 5.09
C SER A 120 -4.93 -19.41 4.38
N GLU A 121 -4.06 -18.41 4.52
CA GLU A 121 -2.70 -18.44 4.00
C GLU A 121 -1.85 -17.45 4.81
N TYR A 122 -0.56 -17.42 4.58
CA TYR A 122 0.29 -16.40 5.17
C TYR A 122 0.58 -15.33 4.15
N TYR A 123 0.58 -14.09 4.62
CA TYR A 123 0.96 -12.98 3.81
C TYR A 123 2.29 -12.41 4.34
N SER A 124 3.31 -12.40 3.48
CA SER A 124 4.66 -12.01 3.87
C SER A 124 4.91 -10.51 3.69
N ILE A 125 5.34 -9.85 4.77
CA ILE A 125 5.66 -8.41 4.77
CA ILE A 125 5.65 -8.41 4.72
C ILE A 125 7.18 -8.26 4.88
N TYR A 126 7.78 -7.53 3.92
CA TYR A 126 9.22 -7.35 3.85
C TYR A 126 9.72 -6.06 4.48
N LYS A 127 8.80 -5.12 4.78
CA LYS A 127 9.18 -3.84 5.37
C LYS A 127 8.84 -3.73 6.85
N GLU A 128 9.74 -3.07 7.58
CA GLU A 128 9.58 -2.83 9.01
C GLU A 128 8.46 -1.80 9.25
N GLU A 129 8.50 -0.70 8.50
CA GLU A 129 7.42 0.27 8.56
CA GLU A 129 7.46 0.37 8.53
C GLU A 129 6.82 0.35 7.15
N ILE A 130 5.50 0.19 7.08
CA ILE A 130 4.85 0.04 5.79
C ILE A 130 3.59 0.94 5.67
N SER A 131 3.41 1.55 4.53
CA SER A 131 2.27 2.40 4.30
C SER A 131 0.98 1.56 4.06
N LEU A 132 -0.16 2.12 4.49
CA LEU A 132 -1.44 1.56 4.15
C LEU A 132 -1.60 1.56 2.62
N LYS A 133 -1.01 2.56 1.93
CA LYS A 133 -1.00 2.60 0.48
C LYS A 133 -0.49 1.28 -0.11
N GLU A 134 0.70 0.85 0.33
CA GLU A 134 1.33 -0.33 -0.22
C GLU A 134 0.59 -1.61 0.19
N LEU A 135 0.18 -1.71 1.46
CA LEU A 135 -0.64 -2.85 1.90
C LEU A 135 -1.94 -2.99 1.07
N ASP A 136 -2.65 -1.89 0.89
CA ASP A 136 -3.91 -1.86 0.16
C ASP A 136 -3.67 -2.28 -1.30
N PHE A 137 -2.63 -1.72 -1.90
CA PHE A 137 -2.39 -1.97 -3.30
C PHE A 137 -2.03 -3.44 -3.54
N LYS A 138 -1.06 -3.95 -2.78
CA LYS A 138 -0.54 -5.31 -2.95
C LYS A 138 -1.60 -6.37 -2.58
N LEU A 139 -2.36 -6.12 -1.53
CA LEU A 139 -3.40 -7.06 -1.11
C LEU A 139 -4.50 -7.12 -2.15
N ARG A 140 -4.96 -5.98 -2.64
CA ARG A 140 -6.00 -6.00 -3.68
C ARG A 140 -5.50 -6.68 -4.95
N LYS A 141 -4.26 -6.42 -5.33
CA LYS A 141 -3.69 -7.10 -6.50
C LYS A 141 -3.67 -8.63 -6.27
N HIS A 142 -3.23 -9.08 -5.10
CA HIS A 142 -3.27 -10.51 -4.73
C HIS A 142 -4.68 -11.08 -4.78
N LEU A 143 -5.66 -10.30 -4.31
CA LEU A 143 -7.06 -10.76 -4.29
C LEU A 143 -7.66 -10.80 -5.72
N ILE A 144 -7.17 -9.93 -6.60
CA ILE A 144 -7.60 -9.94 -8.03
C ILE A 144 -7.02 -11.18 -8.72
N ASP A 145 -5.73 -11.43 -8.51
CA ASP A 145 -5.02 -12.53 -9.16
CA ASP A 145 -5.03 -12.54 -9.17
C ASP A 145 -5.52 -13.92 -8.70
N LYS A 146 -5.73 -14.08 -7.38
CA LYS A 146 -6.04 -15.39 -6.75
C LYS A 146 -7.41 -15.62 -6.11
N HIS A 147 -8.19 -14.56 -5.87
CA HIS A 147 -9.48 -14.67 -5.19
C HIS A 147 -10.66 -14.00 -5.88
N ASP A 148 -10.55 -13.78 -7.19
CA ASP A 148 -11.64 -13.27 -8.05
C ASP A 148 -12.21 -11.89 -7.70
N LEU A 149 -11.46 -11.08 -6.95
CA LEU A 149 -11.87 -9.71 -6.65
C LEU A 149 -12.09 -8.95 -7.95
N TYR A 150 -13.22 -8.25 -8.00
CA TYR A 150 -13.64 -7.46 -9.18
C TYR A 150 -14.03 -8.25 -10.43
N LYS A 151 -14.24 -9.56 -10.31
CA LYS A 151 -14.97 -10.28 -11.35
C LYS A 151 -16.46 -10.04 -11.14
N THR A 152 -16.85 -9.74 -9.90
CA THR A 152 -18.22 -9.42 -9.58
C THR A 152 -18.22 -8.05 -8.89
N GLU A 153 -19.40 -7.49 -8.68
CA GLU A 153 -19.54 -6.22 -7.98
C GLU A 153 -19.07 -6.44 -6.55
N PRO A 154 -18.16 -5.57 -6.09
CA PRO A 154 -17.57 -5.75 -4.76
C PRO A 154 -18.56 -5.52 -3.62
N LYS A 155 -19.57 -4.66 -3.83
CA LYS A 155 -20.60 -4.41 -2.82
C LYS A 155 -19.97 -3.95 -1.48
N ASP A 156 -20.24 -4.64 -0.36
CA ASP A 156 -19.65 -4.24 0.94
C ASP A 156 -18.44 -5.08 1.39
N SER A 157 -17.77 -5.68 0.41
CA SER A 157 -16.51 -6.37 0.61
C SER A 157 -15.48 -5.44 1.27
N LYS A 158 -14.79 -5.95 2.29
CA LYS A 158 -13.78 -5.17 3.01
C LYS A 158 -12.54 -6.01 3.31
N ILE A 159 -11.41 -5.32 3.47
CA ILE A 159 -10.20 -5.88 4.07
C ILE A 159 -10.12 -5.24 5.43
N ARG A 160 -9.87 -6.02 6.46
CA ARG A 160 -9.61 -5.51 7.79
C ARG A 160 -8.22 -5.99 8.26
N ILE A 161 -7.37 -5.01 8.60
CA ILE A 161 -6.05 -5.27 9.18
C ILE A 161 -6.18 -5.00 10.68
N THR A 162 -6.09 -6.04 11.48
CA THR A 162 -6.18 -5.92 12.95
C THR A 162 -4.76 -5.90 13.51
N LYS A 164 -1.91 -5.83 16.83
CA LYS A 164 -1.66 -6.59 18.06
C LYS A 164 -2.23 -5.89 19.29
N ASN A 165 -2.52 -4.59 19.23
CA ASN A 165 -3.20 -3.86 20.32
C ASN A 165 -4.72 -3.76 20.20
N GLY A 166 -5.34 -4.53 19.31
CA GLY A 166 -6.80 -4.51 19.17
C GLY A 166 -7.42 -3.49 18.22
N GLY A 167 -6.70 -2.41 17.91
CA GLY A 167 -7.19 -1.46 16.92
C GLY A 167 -7.18 -2.10 15.53
N TYR A 168 -7.97 -1.57 14.62
CA TYR A 168 -7.95 -2.07 13.25
C TYR A 168 -8.21 -1.01 12.21
N TYR A 169 -7.74 -1.32 11.01
CA TYR A 169 -7.94 -0.55 9.80
C TYR A 169 -8.84 -1.28 8.83
N THR A 170 -9.68 -0.52 8.13
CA THR A 170 -10.60 -1.04 7.13
C THR A 170 -10.34 -0.44 5.76
N PHE A 171 -10.22 -1.30 4.72
CA PHE A 171 -10.24 -0.88 3.31
C PHE A 171 -11.57 -1.35 2.66
N GLU A 172 -12.41 -0.41 2.24
CA GLU A 172 -13.66 -0.75 1.58
C GLU A 172 -13.36 -0.97 0.12
N LEU A 173 -13.66 -2.17 -0.37
CA LEU A 173 -13.18 -2.58 -1.67
C LEU A 173 -14.02 -2.01 -2.83
N ASN A 174 -15.14 -1.39 -2.55
CA ASN A 174 -15.94 -0.72 -3.59
C ASN A 174 -15.47 0.70 -3.98
N LYS A 175 -14.32 1.13 -3.49
CA LYS A 175 -13.71 2.41 -3.91
C LYS A 175 -12.21 2.37 -3.68
N LYS A 176 -11.48 3.21 -4.40
CA LYS A 176 -10.04 3.33 -4.13
C LYS A 176 -9.81 3.76 -2.68
N LEU A 177 -8.59 3.46 -2.18
CA LEU A 177 -8.20 3.93 -0.87
C LEU A 177 -8.17 5.46 -1.02
N GLN A 178 -8.74 6.13 -0.02
CA GLN A 178 -8.86 7.59 -0.04
C GLN A 178 -7.47 8.19 0.02
N PRO A 179 -7.22 9.21 -0.83
CA PRO A 179 -5.91 9.85 -0.92
C PRO A 179 -5.37 10.33 0.42
N HIS A 180 -6.24 10.89 1.25
CA HIS A 180 -5.82 11.42 2.54
C HIS A 180 -5.20 10.36 3.49
N ARG A 181 -5.45 9.08 3.22
CA ARG A 181 -4.98 7.98 4.08
C ARG A 181 -3.70 7.33 3.60
N GLY A 183 -0.64 8.23 3.27
CA GLY A 183 0.59 8.43 3.96
C GLY A 183 0.62 7.70 5.30
N ASP A 184 -0.54 7.17 5.76
CA ASP A 184 -0.63 6.42 7.02
C ASP A 184 0.36 5.24 7.03
N THR A 185 1.03 5.03 8.16
CA THR A 185 2.15 4.15 8.23
C THR A 185 2.01 3.28 9.44
N ILE A 186 2.32 1.99 9.31
CA ILE A 186 2.31 1.06 10.45
C ILE A 186 3.63 0.26 10.62
N ASP A 187 3.91 -0.16 11.86
CA ASP A 187 4.99 -1.10 12.16
C ASP A 187 4.43 -2.51 11.85
N SER A 188 5.02 -3.19 10.88
CA SER A 188 4.52 -4.52 10.48
C SER A 188 4.59 -5.54 11.60
N ARG A 189 5.52 -5.40 12.53
CA ARG A 189 5.59 -6.28 13.70
C ARG A 189 4.38 -6.15 14.58
N ASN A 190 3.61 -5.09 14.43
CA ASN A 190 2.35 -4.93 15.16
C ASN A 190 1.08 -5.47 14.47
N ILE A 191 1.19 -5.99 13.24
CA ILE A 191 -0.01 -6.52 12.55
C ILE A 191 -0.30 -7.94 13.06
N GLU A 192 -1.49 -8.11 13.64
CA GLU A 192 -1.92 -9.43 14.11
C GLU A 192 -2.45 -10.32 12.99
N LYS A 193 -3.39 -9.80 12.19
CA LYS A 193 -4.04 -10.59 11.15
C LYS A 193 -4.71 -9.70 10.13
N ILE A 194 -5.00 -10.31 8.99
CA ILE A 194 -5.69 -9.67 7.87
C ILE A 194 -6.89 -10.58 7.56
N GLU A 195 -8.09 -9.96 7.44
CA GLU A 195 -9.35 -10.65 7.16
C GLU A 195 -10.08 -9.93 6.02
N VAL A 196 -10.45 -10.70 5.02
CA VAL A 196 -11.15 -10.18 3.87
C VAL A 196 -12.49 -10.93 3.79
N ASN A 197 -13.56 -10.19 3.59
CA ASN A 197 -14.87 -10.80 3.36
C ASN A 197 -15.28 -10.42 1.93
N LEU A 198 -15.38 -11.42 1.07
CA LEU A 198 -15.78 -11.25 -0.33
C LEU A 198 -17.16 -11.87 -0.54
#